data_7RP3
#
_entry.id   7RP3
#
_cell.length_a   59.236
_cell.length_b   74.330
_cell.length_c   77.880
_cell.angle_alpha   90.000
_cell.angle_beta   104.870
_cell.angle_gamma   90.000
#
_symmetry.space_group_name_H-M   'P 1 21 1'
#
loop_
_entity.id
_entity.type
_entity.pdbx_description
1 polymer 'Isoform 2B of GTPase KRas'
2 polymer 'immunoglobulin IgG heavy chain'
3 polymer 'immunoglobulin IgG light chain'
4 non-polymer 1-[4-[6-chloranyl-7-(5-methyl-1~{H}-indazol-4-yl)quinazolin-4-yl]piperazin-1-yl]propan-1-one
5 non-polymer "GUANOSINE-5'-DIPHOSPHATE"
6 non-polymer 'MAGNESIUM ION'
7 non-polymer GLYCEROL
8 non-polymer 1,2-ETHANEDIOL
9 non-polymer 'SULFATE ION'
10 water water
#
loop_
_entity_poly.entity_id
_entity_poly.type
_entity_poly.pdbx_seq_one_letter_code
_entity_poly.pdbx_strand_id
1 'polypeptide(L)'
;GSSTEYKLVVVGACGVGKSALTIQLIQNHFVDEYDPTIEDSYRKQVVIDGETCLLDILDTAGQEEYSAMRDQYMRTGEGF
LCVFAINNTKSFEDIHHYREQIKRVKDSEDVPMVLVGNKCDLPSRTVDTKQAQDLARSYGIPFIETSAKTRQGVDDAFYT
LVREIRKHKEK
;
A
2 'polypeptide(L)'
;EVQLQESGPGLVKPPGTLSLTCAVSGGSISSSNWWSWVRQPPGKGLEWIGEIYHSGSTNYNPSLKSRVTISVDKSKNQFS
LKLSSVTAADTAVYYCARGSSSWYDLGPFDYWGQGTLVTVSSASTKGPSVFPLAPSSKSTSGGTAALGCLVKDYFPEPVT
VSWNSGALTSGVHTFPAVLQSSGLYSLSSVVTVPSSSLGTQTYICNVNHKPSNTKVDKKVEPKSCD
;
H
3 'polypeptide(L)'
;SVLTQPPSASGTPGQRVTISCSGSSSNIGSNYVYWYQQLPGTAPKLLIYRNNQRPSGVPDRFSGSKSGTSASLAISGLRS
EDEADYYCAAWDERLSGWVFGGGTKLTVLGQPKAAPSVTLFPPSSEELQANKATLVCLISDFYPGAVTVAWKADSSPVKA
GVETTTPSKQSNNKYAASSYLSLTPEQWKSHRSYSCQVTHEGSTVEKTVAPTECS
;
I
#
loop_
_chem_comp.id
_chem_comp.type
_chem_comp.name
_chem_comp.formula
EDO non-polymer 1,2-ETHANEDIOL 'C2 H6 O2'
GDP RNA linking GUANOSINE-5'-DIPHOSPHATE 'C10 H15 N5 O11 P2'
GOL non-polymer GLYCEROL 'C3 H8 O3'
MG non-polymer 'MAGNESIUM ION' 'Mg 2'
MKZ non-polymer 1-[4-[6-chloranyl-7-(5-methyl-1~{H}-indazol-4-yl)quinazolin-4-yl]piperazin-1-yl]propan-1-one 'C23 H23 Cl N6 O'
SO4 non-polymer 'SULFATE ION' 'O4 S -2'
#
# COMPACT_ATOMS: atom_id res chain seq x y z
N SER A 3 18.58 3.46 -28.55
CA SER A 3 17.67 4.57 -28.78
C SER A 3 18.02 5.78 -27.91
N THR A 4 17.69 6.97 -28.39
CA THR A 4 17.90 8.21 -27.66
C THR A 4 16.58 8.67 -27.07
N GLU A 5 16.62 9.14 -25.82
CA GLU A 5 15.41 9.50 -25.09
C GLU A 5 15.18 11.02 -25.13
N TYR A 6 13.94 11.41 -25.31
CA TYR A 6 13.56 12.82 -25.27
C TYR A 6 12.34 12.97 -24.37
N LYS A 7 12.38 13.98 -23.50
CA LYS A 7 11.29 14.26 -22.57
C LYS A 7 10.62 15.56 -23.02
N LEU A 8 9.38 15.42 -23.51
CA LEU A 8 8.61 16.50 -24.09
C LEU A 8 7.41 16.80 -23.21
N VAL A 9 7.12 18.09 -23.03
CA VAL A 9 5.98 18.54 -22.22
C VAL A 9 5.06 19.33 -23.13
N VAL A 10 3.78 19.01 -23.09
CA VAL A 10 2.77 19.74 -23.87
C VAL A 10 2.07 20.71 -22.93
N VAL A 11 2.18 22.02 -23.19
CA VAL A 11 1.62 23.05 -22.31
C VAL A 11 0.70 23.97 -23.11
N GLY A 12 -0.11 24.75 -22.39
CA GLY A 12 -1.09 25.61 -23.04
C GLY A 12 -2.42 25.67 -22.30
N ALA A 13 -3.24 26.66 -22.63
CA ALA A 13 -4.50 26.87 -21.93
C ALA A 13 -5.42 25.67 -22.06
N CYS A 14 -6.37 25.57 -21.14
CA CYS A 14 -7.44 24.58 -21.22
C CYS A 14 -8.18 24.68 -22.55
N GLY A 15 -8.56 23.52 -23.09
CA GLY A 15 -9.39 23.49 -24.29
C GLY A 15 -8.67 23.75 -25.60
N VAL A 16 -7.34 23.85 -25.60
CA VAL A 16 -6.64 24.13 -26.85
C VAL A 16 -6.32 22.86 -27.62
N GLY A 17 -6.35 21.68 -26.98
CA GLY A 17 -6.09 20.43 -27.66
C GLY A 17 -4.83 19.70 -27.24
N LYS A 18 -4.36 19.97 -26.01
CA LYS A 18 -3.16 19.29 -25.52
C LYS A 18 -3.35 17.77 -25.50
N SER A 19 -4.47 17.32 -24.94
CA SER A 19 -4.69 15.87 -24.87
C SER A 19 -4.98 15.28 -26.25
N ALA A 20 -5.83 15.94 -27.05
CA ALA A 20 -6.12 15.41 -28.39
C ALA A 20 -4.85 15.28 -29.20
N LEU A 21 -3.94 16.26 -29.09
CA LEU A 21 -2.67 16.15 -29.80
C LEU A 21 -1.86 14.97 -29.29
N THR A 22 -1.73 14.84 -27.97
CA THR A 22 -0.89 13.79 -27.40
C THR A 22 -1.41 12.41 -27.77
N ILE A 23 -2.71 12.20 -27.62
CA ILE A 23 -3.30 10.90 -27.91
C ILE A 23 -3.21 10.57 -29.39
N GLN A 24 -3.30 11.58 -30.27
CA GLN A 24 -3.07 11.33 -31.68
C GLN A 24 -1.64 10.86 -31.92
N LEU A 25 -0.66 11.56 -31.37
CA LEU A 25 0.72 11.14 -31.55
C LEU A 25 0.94 9.73 -31.05
N ILE A 26 0.40 9.42 -29.87
CA ILE A 26 0.74 8.17 -29.21
C ILE A 26 -0.09 7.01 -29.75
N GLN A 27 -1.39 7.22 -29.92
CA GLN A 27 -2.34 6.14 -30.16
C GLN A 27 -3.07 6.24 -31.48
N ASN A 28 -2.78 7.24 -32.31
CA ASN A 28 -3.23 7.31 -33.69
C ASN A 28 -4.75 7.30 -33.80
N HIS A 29 -5.42 8.07 -32.94
CA HIS A 29 -6.86 8.27 -33.08
C HIS A 29 -7.25 9.57 -32.41
N PHE A 30 -8.42 10.08 -32.78
CA PHE A 30 -8.88 11.39 -32.34
C PHE A 30 -9.94 11.26 -31.25
N VAL A 31 -9.80 12.07 -30.21
CA VAL A 31 -10.64 12.02 -29.02
C VAL A 31 -11.60 13.19 -29.06
N ASP A 32 -12.90 12.88 -29.04
CA ASP A 32 -13.93 13.90 -29.15
C ASP A 32 -14.02 14.76 -27.89
N GLU A 33 -13.68 14.21 -26.73
CA GLU A 33 -13.60 14.96 -25.49
C GLU A 33 -12.71 14.19 -24.52
N TYR A 34 -11.87 14.91 -23.79
CA TYR A 34 -11.02 14.25 -22.81
C TYR A 34 -11.01 15.07 -21.54
N ASP A 35 -11.18 14.38 -20.42
CA ASP A 35 -11.24 14.97 -19.09
C ASP A 35 -10.12 15.99 -18.89
N PRO A 36 -10.45 17.26 -18.66
CA PRO A 36 -9.39 18.29 -18.54
C PRO A 36 -8.59 18.22 -17.26
N THR A 37 -8.99 17.37 -16.29
CA THR A 37 -8.25 17.22 -15.05
C THR A 37 -7.19 16.11 -15.11
N ILE A 38 -7.12 15.35 -16.21
CA ILE A 38 -6.24 14.18 -16.29
C ILE A 38 -4.91 14.60 -16.90
N GLU A 39 -3.87 14.57 -16.08
CA GLU A 39 -2.49 14.77 -16.51
C GLU A 39 -1.75 13.45 -16.44
N ASP A 40 -1.30 12.95 -17.60
CA ASP A 40 -0.59 11.68 -17.72
C ASP A 40 0.68 11.87 -18.54
N SER A 41 1.66 11.00 -18.28
CA SER A 41 2.81 10.84 -19.16
C SER A 41 2.56 9.66 -20.09
N TYR A 42 3.11 9.76 -21.30
CA TYR A 42 3.02 8.69 -22.28
C TYR A 42 4.39 8.45 -22.88
N ARG A 43 4.58 7.25 -23.43
CA ARG A 43 5.86 6.89 -24.03
C ARG A 43 5.61 6.22 -25.37
N LYS A 44 6.47 6.53 -26.35
CA LYS A 44 6.34 5.99 -27.69
C LYS A 44 7.70 5.94 -28.35
N GLN A 45 7.97 4.84 -29.06
CA GLN A 45 9.18 4.67 -29.83
C GLN A 45 8.90 5.00 -31.29
N VAL A 46 9.72 5.89 -31.86
CA VAL A 46 9.54 6.36 -33.24
C VAL A 46 10.91 6.58 -33.87
N VAL A 47 10.92 6.70 -35.19
CA VAL A 47 12.12 7.01 -35.94
C VAL A 47 12.00 8.44 -36.44
N ILE A 48 12.97 9.27 -36.10
CA ILE A 48 12.99 10.67 -36.50
C ILE A 48 14.33 10.94 -37.15
N ASP A 49 14.30 11.30 -38.45
CA ASP A 49 15.51 11.56 -39.24
C ASP A 49 16.54 10.44 -39.09
N GLY A 50 16.06 9.20 -39.16
CA GLY A 50 16.91 8.04 -39.13
C GLY A 50 17.37 7.58 -37.75
N GLU A 51 17.08 8.34 -36.70
CA GLU A 51 17.49 8.02 -35.34
C GLU A 51 16.30 7.40 -34.63
N THR A 52 16.47 6.20 -34.09
CA THR A 52 15.43 5.61 -33.25
C THR A 52 15.37 6.39 -31.94
N CYS A 53 14.15 6.89 -31.61
CA CYS A 53 13.91 7.79 -30.49
C CYS A 53 12.87 7.23 -29.55
N LEU A 54 13.13 7.36 -28.25
CA LEU A 54 12.16 7.07 -27.21
C LEU A 54 11.57 8.40 -26.72
N LEU A 55 10.31 8.68 -27.04
CA LEU A 55 9.65 9.92 -26.64
C LEU A 55 8.87 9.68 -25.36
N ASP A 56 9.18 10.43 -24.33
CA ASP A 56 8.33 10.55 -23.15
C ASP A 56 7.59 11.87 -23.24
N ILE A 57 6.26 11.83 -23.18
CA ILE A 57 5.44 13.02 -23.38
C ILE A 57 4.56 13.23 -22.15
N LEU A 58 4.67 14.40 -21.54
CA LEU A 58 3.82 14.81 -20.43
C LEU A 58 2.72 15.73 -20.97
N ASP A 59 1.47 15.29 -20.84
CA ASP A 59 0.31 16.07 -21.28
C ASP A 59 -0.25 16.77 -20.04
N THR A 60 0.08 18.06 -19.88
CA THR A 60 -0.22 18.74 -18.62
C THR A 60 -1.70 19.07 -18.52
N ALA A 61 -2.20 19.14 -17.29
CA ALA A 61 -3.62 19.32 -17.07
C ALA A 61 -3.85 19.80 -15.64
N GLY A 62 -5.07 19.63 -15.16
CA GLY A 62 -5.41 19.89 -13.75
C GLY A 62 -5.84 21.34 -13.54
N GLN A 63 -5.13 22.03 -12.64
CA GLN A 63 -5.41 23.40 -12.27
C GLN A 63 -4.14 24.22 -12.42
N GLU A 64 -4.29 25.54 -12.40
CA GLU A 64 -3.12 26.40 -12.32
C GLU A 64 -2.68 26.44 -10.86
N GLU A 65 -1.86 25.46 -10.47
CA GLU A 65 -1.33 25.39 -9.12
C GLU A 65 0.16 25.09 -9.20
N TYR A 66 0.88 25.50 -8.16
CA TYR A 66 2.33 25.45 -8.20
C TYR A 66 2.87 24.84 -6.93
N SER A 67 3.96 24.09 -7.08
CA SER A 67 4.60 23.43 -5.96
C SER A 67 6.03 23.09 -6.35
N ALA A 68 6.87 22.91 -5.32
CA ALA A 68 8.24 22.43 -5.52
C ALA A 68 8.26 21.16 -6.36
N MET A 69 7.31 20.25 -6.12
CA MET A 69 7.26 18.98 -6.82
C MET A 69 6.84 19.18 -8.26
N ARG A 70 5.77 19.95 -8.48
CA ARG A 70 5.39 20.20 -9.86
C ARG A 70 6.51 20.88 -10.64
N ASP A 71 7.27 21.77 -9.98
CA ASP A 71 8.44 22.34 -10.64
C ASP A 71 9.39 21.23 -11.09
N GLN A 72 9.57 20.19 -10.27
CA GLN A 72 10.43 19.08 -10.64
C GLN A 72 9.86 18.29 -11.81
N TYR A 73 8.55 18.03 -11.81
CA TYR A 73 7.92 17.39 -12.96
C TYR A 73 8.20 18.16 -14.25
N MET A 74 8.16 19.49 -14.18
CA MET A 74 8.23 20.33 -15.39
C MET A 74 9.68 20.58 -15.81
N ARG A 75 10.57 20.73 -14.83
CA ARG A 75 11.99 20.88 -15.09
C ARG A 75 12.58 19.63 -15.74
N THR A 76 11.92 18.48 -15.53
CA THR A 76 12.31 17.26 -16.24
C THR A 76 12.13 17.39 -17.76
N GLY A 77 11.23 18.25 -18.21
CA GLY A 77 11.08 18.48 -19.64
C GLY A 77 12.34 18.98 -20.31
N GLU A 78 12.71 18.38 -21.44
CA GLU A 78 13.81 18.92 -22.24
C GLU A 78 13.33 19.91 -23.31
N GLY A 79 12.08 19.80 -23.72
CA GLY A 79 11.53 20.70 -24.72
C GLY A 79 10.04 20.81 -24.47
N PHE A 80 9.47 21.92 -24.93
CA PHE A 80 8.09 22.23 -24.58
C PHE A 80 7.31 22.60 -25.83
N LEU A 81 6.17 21.93 -26.03
CA LEU A 81 5.20 22.31 -27.05
C LEU A 81 4.23 23.33 -26.45
N CYS A 82 4.24 24.55 -26.98
CA CYS A 82 3.36 25.62 -26.50
C CYS A 82 2.16 25.71 -27.42
N VAL A 83 1.03 25.17 -26.97
CA VAL A 83 -0.17 25.03 -27.78
C VAL A 83 -1.14 26.17 -27.48
N PHE A 84 -1.65 26.80 -28.54
CA PHE A 84 -2.81 27.68 -28.48
C PHE A 84 -3.79 27.20 -29.54
N ALA A 85 -5.02 27.70 -29.49
CA ALA A 85 -6.01 27.37 -30.50
C ALA A 85 -6.17 28.56 -31.43
N ILE A 86 -6.28 28.28 -32.74
CA ILE A 86 -6.37 29.35 -33.73
C ILE A 86 -7.68 30.11 -33.65
N ASN A 87 -8.70 29.54 -33.01
CA ASN A 87 -10.00 30.19 -32.85
C ASN A 87 -10.22 30.72 -31.44
N ASN A 88 -9.19 30.70 -30.62
CA ASN A 88 -9.29 31.17 -29.24
C ASN A 88 -8.17 32.16 -29.00
N THR A 89 -8.49 33.45 -29.16
CA THR A 89 -7.49 34.51 -29.03
C THR A 89 -6.85 34.52 -27.64
N LYS A 90 -7.63 34.22 -26.60
CA LYS A 90 -7.07 34.22 -25.25
C LYS A 90 -5.94 33.20 -25.10
N SER A 91 -6.13 31.99 -25.64
CA SER A 91 -5.07 30.98 -25.54
C SER A 91 -3.77 31.50 -26.13
N PHE A 92 -3.85 32.30 -27.20
CA PHE A 92 -2.65 32.84 -27.81
C PHE A 92 -2.02 33.91 -26.92
N GLU A 93 -2.85 34.75 -26.31
CA GLU A 93 -2.34 35.75 -25.36
C GLU A 93 -1.66 35.08 -24.17
N ASP A 94 -2.16 33.93 -23.74
CA ASP A 94 -1.56 33.24 -22.60
C ASP A 94 -0.15 32.73 -22.87
N ILE A 95 0.27 32.67 -24.14
CA ILE A 95 1.52 31.97 -24.50
C ILE A 95 2.70 32.53 -23.72
N HIS A 96 2.72 33.85 -23.53
CA HIS A 96 3.85 34.47 -22.85
C HIS A 96 3.99 33.93 -21.43
N HIS A 97 2.86 33.69 -20.76
CA HIS A 97 2.89 33.13 -19.41
C HIS A 97 3.52 31.74 -19.38
N TYR A 98 3.23 30.90 -20.38
CA TYR A 98 3.80 29.56 -20.39
C TYR A 98 5.31 29.60 -20.62
N ARG A 99 5.77 30.42 -21.55
CA ARG A 99 7.20 30.60 -21.76
C ARG A 99 7.90 31.05 -20.49
N GLU A 100 7.36 32.07 -19.82
CA GLU A 100 8.05 32.58 -18.64
C GLU A 100 8.12 31.53 -17.53
N GLN A 101 7.08 30.71 -17.38
CA GLN A 101 7.13 29.64 -16.37
C GLN A 101 8.19 28.60 -16.73
N ILE A 102 8.21 28.17 -17.99
CA ILE A 102 9.22 27.22 -18.44
C ILE A 102 10.61 27.80 -18.19
N LYS A 103 10.83 29.06 -18.55
CA LYS A 103 12.11 29.70 -18.30
C LYS A 103 12.46 29.67 -16.83
N ARG A 104 11.44 29.80 -15.98
CA ARG A 104 11.67 29.87 -14.53
C ARG A 104 12.16 28.53 -13.99
N VAL A 105 11.46 27.44 -14.30
CA VAL A 105 11.87 26.15 -13.76
C VAL A 105 13.11 25.63 -14.46
N LYS A 106 13.33 26.00 -15.73
CA LYS A 106 14.53 25.53 -16.42
C LYS A 106 15.75 26.38 -16.12
N ASP A 107 15.56 27.56 -15.52
CA ASP A 107 16.67 28.43 -15.13
C ASP A 107 17.58 28.73 -16.33
N SER A 108 16.96 29.02 -17.46
CA SER A 108 17.66 29.32 -18.68
C SER A 108 16.75 30.18 -19.55
N GLU A 109 17.36 31.10 -20.28
CA GLU A 109 16.65 31.85 -21.29
C GLU A 109 16.46 31.04 -22.56
N ASP A 110 17.28 30.02 -22.76
CA ASP A 110 17.33 29.23 -24.00
C ASP A 110 16.81 27.83 -23.70
N VAL A 111 15.52 27.61 -23.94
CA VAL A 111 14.86 26.31 -23.73
C VAL A 111 14.22 25.86 -25.04
N PRO A 112 14.44 24.62 -25.48
CA PRO A 112 13.81 24.16 -26.73
C PRO A 112 12.29 24.22 -26.65
N MET A 113 11.67 24.85 -27.64
CA MET A 113 10.23 25.08 -27.67
C MET A 113 9.74 25.11 -29.11
N VAL A 114 8.47 24.73 -29.28
CA VAL A 114 7.76 24.93 -30.55
C VAL A 114 6.40 25.55 -30.25
N LEU A 115 6.04 26.56 -31.03
CA LEU A 115 4.72 27.15 -30.89
C LEU A 115 3.78 26.39 -31.80
N VAL A 116 2.65 25.95 -31.27
CA VAL A 116 1.68 25.18 -32.03
C VAL A 116 0.35 25.91 -32.06
N GLY A 117 -0.18 26.12 -33.27
CA GLY A 117 -1.54 26.60 -33.45
C GLY A 117 -2.44 25.44 -33.84
N ASN A 118 -3.19 24.93 -32.87
CA ASN A 118 -4.01 23.75 -33.11
C ASN A 118 -5.41 24.15 -33.57
N LYS A 119 -6.16 23.14 -34.01
CA LYS A 119 -7.53 23.26 -34.53
C LYS A 119 -7.57 23.98 -35.87
N CYS A 120 -6.48 23.89 -36.65
CA CYS A 120 -6.47 24.59 -37.92
C CYS A 120 -7.47 24.03 -38.93
N ASP A 121 -8.14 22.91 -38.61
CA ASP A 121 -9.20 22.41 -39.48
C ASP A 121 -10.46 23.25 -39.39
N LEU A 122 -10.51 24.24 -38.49
CA LEU A 122 -11.75 24.97 -38.31
C LEU A 122 -11.79 26.17 -39.24
N PRO A 123 -12.99 26.52 -39.74
CA PRO A 123 -13.06 27.61 -40.71
C PRO A 123 -12.90 28.97 -40.07
N SER A 124 -13.41 29.17 -38.86
CA SER A 124 -13.35 30.47 -38.20
C SER A 124 -12.08 30.55 -37.37
N ARG A 125 -11.16 31.41 -37.79
CA ARG A 125 -9.97 31.72 -37.00
C ARG A 125 -10.13 33.08 -36.34
N THR A 126 -9.46 33.26 -35.21
CA THR A 126 -9.30 34.58 -34.62
C THR A 126 -7.84 34.95 -34.42
N VAL A 127 -6.92 34.03 -34.69
CA VAL A 127 -5.48 34.27 -34.57
C VAL A 127 -4.88 34.06 -35.95
N ASP A 128 -4.46 35.15 -36.59
CA ASP A 128 -3.90 35.06 -37.92
C ASP A 128 -2.59 34.27 -37.91
N THR A 129 -2.42 33.41 -38.91
CA THR A 129 -1.18 32.67 -39.11
C THR A 129 0.02 33.59 -38.92
N LYS A 130 -0.07 34.81 -39.49
CA LYS A 130 1.07 35.72 -39.49
C LYS A 130 1.38 36.25 -38.10
N GLN A 131 0.35 36.56 -37.31
CA GLN A 131 0.60 37.02 -35.94
C GLN A 131 1.34 35.95 -35.13
N ALA A 132 0.98 34.68 -35.36
CA ALA A 132 1.67 33.61 -34.66
C ALA A 132 3.08 33.44 -35.19
N GLN A 133 3.27 33.59 -36.50
CA GLN A 133 4.60 33.43 -37.07
C GLN A 133 5.56 34.48 -36.53
N ASP A 134 5.11 35.73 -36.45
CA ASP A 134 5.97 36.78 -35.93
C ASP A 134 6.36 36.49 -34.48
N LEU A 135 5.40 36.06 -33.66
CA LEU A 135 5.71 35.79 -32.27
C LEU A 135 6.80 34.72 -32.16
N ALA A 136 6.68 33.66 -32.96
CA ALA A 136 7.66 32.58 -32.91
C ALA A 136 9.03 33.08 -33.37
N ARG A 137 9.08 33.81 -34.49
CA ARG A 137 10.34 34.37 -34.95
C ARG A 137 11.01 35.22 -33.87
N SER A 138 10.21 36.02 -33.14
CA SER A 138 10.77 36.89 -32.11
C SER A 138 11.34 36.07 -30.95
N TYR A 139 10.75 34.90 -30.66
CA TYR A 139 11.29 33.93 -29.72
C TYR A 139 12.43 33.11 -30.30
N GLY A 140 12.59 33.12 -31.62
CA GLY A 140 13.53 32.24 -32.27
C GLY A 140 13.15 30.77 -32.26
N ILE A 141 11.87 30.44 -32.38
CA ILE A 141 11.44 29.05 -32.31
C ILE A 141 10.54 28.75 -33.51
N PRO A 142 10.41 27.48 -33.88
CA PRO A 142 9.48 27.10 -34.95
C PRO A 142 8.03 27.33 -34.54
N PHE A 143 7.18 27.53 -35.56
CA PHE A 143 5.73 27.59 -35.41
C PHE A 143 5.10 26.61 -36.38
N ILE A 144 4.21 25.76 -35.89
CA ILE A 144 3.56 24.71 -36.68
C ILE A 144 2.06 24.83 -36.46
N GLU A 145 1.30 24.82 -37.54
CA GLU A 145 -0.15 24.70 -37.43
C GLU A 145 -0.54 23.24 -37.52
N THR A 146 -1.47 22.84 -36.66
CA THR A 146 -1.84 21.45 -36.52
C THR A 146 -3.36 21.33 -36.43
N SER A 147 -3.84 20.11 -36.63
CA SER A 147 -5.22 19.74 -36.35
C SER A 147 -5.22 18.33 -35.76
N ALA A 148 -5.51 18.21 -34.48
CA ALA A 148 -5.64 16.89 -33.86
C ALA A 148 -6.78 16.07 -34.48
N LYS A 149 -7.76 16.74 -35.10
CA LYS A 149 -8.87 16.01 -35.71
C LYS A 149 -8.44 15.32 -37.02
N THR A 150 -7.71 16.03 -37.87
CA THR A 150 -7.28 15.50 -39.17
C THR A 150 -5.88 14.90 -39.14
N ARG A 151 -5.18 14.99 -38.01
CA ARG A 151 -3.80 14.56 -37.83
C ARG A 151 -2.82 15.49 -38.57
N GLN A 152 -3.31 16.54 -39.23
CA GLN A 152 -2.42 17.42 -39.99
C GLN A 152 -1.40 18.08 -39.07
N GLY A 153 -0.14 18.04 -39.49
CA GLY A 153 0.93 18.68 -38.74
C GLY A 153 1.28 18.06 -37.41
N VAL A 154 0.60 16.97 -37.01
CA VAL A 154 0.78 16.47 -35.64
C VAL A 154 2.19 15.91 -35.45
N ASP A 155 2.58 14.96 -36.31
CA ASP A 155 3.92 14.41 -36.24
C ASP A 155 4.97 15.50 -36.40
N ASP A 156 4.73 16.45 -37.31
CA ASP A 156 5.69 17.52 -37.54
C ASP A 156 5.88 18.38 -36.29
N ALA A 157 4.81 18.66 -35.56
CA ALA A 157 4.94 19.46 -34.35
C ALA A 157 5.86 18.79 -33.32
N PHE A 158 5.61 17.52 -33.00
CA PHE A 158 6.44 16.86 -32.00
C PHE A 158 7.85 16.58 -32.55
N TYR A 159 7.97 16.16 -33.81
CA TYR A 159 9.30 15.88 -34.38
C TYR A 159 10.15 17.14 -34.48
N THR A 160 9.55 18.27 -34.84
CA THR A 160 10.29 19.53 -34.83
C THR A 160 10.79 19.87 -33.42
N LEU A 161 10.00 19.57 -32.40
CA LEU A 161 10.46 19.79 -31.04
C LEU A 161 11.66 18.89 -30.72
N VAL A 162 11.63 17.63 -31.15
CA VAL A 162 12.81 16.77 -30.98
C VAL A 162 14.02 17.38 -31.69
N ARG A 163 13.83 17.83 -32.94
CA ARG A 163 14.95 18.43 -33.64
C ARG A 163 15.47 19.66 -32.91
N GLU A 164 14.58 20.44 -32.28
CA GLU A 164 15.03 21.58 -31.49
C GLU A 164 15.84 21.14 -30.27
N ILE A 165 15.43 20.05 -29.62
CA ILE A 165 16.21 19.55 -28.48
C ILE A 165 17.58 19.07 -28.95
N ARG A 166 17.61 18.41 -30.11
CA ARG A 166 18.88 18.01 -30.71
C ARG A 166 19.85 19.18 -30.87
N LYS A 167 19.34 20.33 -31.32
CA LYS A 167 20.23 21.47 -31.58
C LYS A 167 20.78 22.06 -30.30
N HIS A 168 19.99 22.05 -29.22
CA HIS A 168 20.46 22.41 -27.89
C HIS A 168 21.66 21.57 -27.46
N LYS A 169 21.86 20.43 -28.13
CA LYS A 169 22.91 19.43 -27.85
C LYS A 169 22.53 18.64 -26.60
N GLU B 1 -6.16 13.75 -9.64
CA GLU B 1 -5.07 12.78 -9.69
C GLU B 1 -5.71 11.43 -9.95
N VAL B 2 -4.89 10.46 -10.37
CA VAL B 2 -5.44 9.14 -10.67
C VAL B 2 -6.05 8.55 -9.40
N GLN B 3 -7.14 7.81 -9.56
CA GLN B 3 -7.74 7.08 -8.45
C GLN B 3 -7.94 5.63 -8.86
N LEU B 4 -7.69 4.72 -7.93
CA LEU B 4 -7.84 3.29 -8.18
C LEU B 4 -8.85 2.73 -7.18
N GLN B 5 -9.66 1.78 -7.63
CA GLN B 5 -10.62 1.12 -6.76
C GLN B 5 -10.69 -0.37 -7.06
N GLU B 6 -10.31 -1.19 -6.09
CA GLU B 6 -10.43 -2.64 -6.22
C GLU B 6 -11.88 -3.08 -6.09
N SER B 7 -12.23 -4.20 -6.74
CA SER B 7 -13.52 -4.85 -6.54
C SER B 7 -13.40 -6.33 -6.87
N GLY B 8 -14.38 -7.09 -6.37
CA GLY B 8 -14.41 -8.53 -6.53
C GLY B 8 -14.88 -9.21 -5.26
N PRO B 9 -15.16 -10.51 -5.35
CA PRO B 9 -15.72 -11.25 -4.21
C PRO B 9 -14.87 -11.10 -2.95
N GLY B 10 -15.55 -10.89 -1.81
CA GLY B 10 -14.87 -10.84 -0.53
C GLY B 10 -14.56 -12.19 0.07
N LEU B 11 -15.25 -13.24 -0.36
CA LEU B 11 -15.02 -14.60 0.09
C LEU B 11 -14.65 -15.47 -1.10
N VAL B 12 -13.54 -16.21 -0.98
CA VAL B 12 -13.17 -17.23 -1.95
C VAL B 12 -13.08 -18.58 -1.23
N LYS B 13 -13.68 -19.61 -1.82
CA LYS B 13 -13.58 -20.98 -1.32
C LYS B 13 -12.64 -21.77 -2.20
N PRO B 14 -11.55 -22.32 -1.68
CA PRO B 14 -10.57 -23.05 -2.50
C PRO B 14 -11.20 -24.13 -3.36
N PRO B 15 -10.38 -24.87 -4.13
CA PRO B 15 -10.61 -24.99 -5.58
C PRO B 15 -10.93 -23.70 -6.33
N GLY B 16 -11.78 -22.83 -5.79
CA GLY B 16 -12.02 -21.55 -6.44
C GLY B 16 -10.78 -20.67 -6.51
N THR B 17 -10.82 -19.72 -7.43
CA THR B 17 -9.73 -18.80 -7.73
C THR B 17 -10.05 -17.40 -7.20
N LEU B 18 -9.03 -16.72 -6.67
CA LEU B 18 -9.17 -15.33 -6.25
C LEU B 18 -9.06 -14.42 -7.47
N SER B 19 -10.10 -13.62 -7.70
CA SER B 19 -10.19 -12.77 -8.88
C SER B 19 -10.55 -11.36 -8.43
N LEU B 20 -9.77 -10.37 -8.85
CA LEU B 20 -10.07 -8.99 -8.50
C LEU B 20 -9.86 -8.08 -9.72
N THR B 21 -10.56 -6.96 -9.71
CA THR B 21 -10.46 -5.95 -10.76
C THR B 21 -10.14 -4.60 -10.14
N CYS B 22 -9.26 -3.84 -10.79
CA CYS B 22 -8.95 -2.47 -10.39
C CYS B 22 -9.48 -1.51 -11.46
N ALA B 23 -10.50 -0.72 -11.09
CA ALA B 23 -11.03 0.33 -11.96
C ALA B 23 -10.20 1.60 -11.77
N VAL B 24 -9.62 2.09 -12.86
CA VAL B 24 -8.77 3.27 -12.84
C VAL B 24 -9.57 4.45 -13.38
N SER B 25 -9.55 5.57 -12.67
CA SER B 25 -10.22 6.79 -13.11
C SER B 25 -9.28 7.96 -12.89
N GLY B 26 -9.53 9.07 -13.58
CA GLY B 26 -8.61 10.18 -13.45
C GLY B 26 -7.23 9.88 -13.97
N GLY B 27 -7.11 8.91 -14.85
CA GLY B 27 -5.87 8.63 -15.54
C GLY B 27 -6.01 7.44 -16.47
N SER B 28 -5.29 7.46 -17.58
CA SER B 28 -5.38 6.37 -18.55
C SER B 28 -4.51 5.20 -18.13
N ILE B 29 -5.04 3.98 -18.34
CA ILE B 29 -4.24 2.78 -18.19
C ILE B 29 -3.06 2.74 -19.17
N SER B 30 -3.14 3.47 -20.28
CA SER B 30 -2.11 3.48 -21.32
C SER B 30 -1.00 4.47 -21.06
N SER B 31 -1.02 5.16 -19.92
CA SER B 31 0.07 6.05 -19.54
C SER B 31 1.34 5.24 -19.30
N SER B 32 2.47 5.95 -19.19
CA SER B 32 3.78 5.29 -19.01
C SER B 32 4.10 5.08 -17.52
N ASN B 33 3.34 4.16 -16.93
CA ASN B 33 3.48 3.77 -15.53
C ASN B 33 3.29 2.27 -15.45
N TRP B 34 3.70 1.69 -14.33
CA TRP B 34 3.42 0.29 -14.06
C TRP B 34 2.33 0.15 -13.01
N TRP B 35 1.45 -0.84 -13.23
CA TRP B 35 0.27 -1.10 -12.42
C TRP B 35 0.50 -2.37 -11.61
N SER B 36 0.41 -2.26 -10.28
CA SER B 36 0.81 -3.31 -9.35
C SER B 36 -0.35 -3.75 -8.47
N TRP B 37 -0.27 -5.00 -8.01
CA TRP B 37 -1.12 -5.50 -6.94
C TRP B 37 -0.23 -5.77 -5.73
N VAL B 38 -0.68 -5.34 -4.55
CA VAL B 38 0.01 -5.52 -3.29
C VAL B 38 -1.00 -6.08 -2.30
N ARG B 39 -0.54 -6.91 -1.37
CA ARG B 39 -1.45 -7.43 -0.37
C ARG B 39 -0.89 -7.31 1.03
N GLN B 40 -1.78 -7.41 2.02
CA GLN B 40 -1.42 -7.19 3.41
C GLN B 40 -2.32 -8.05 4.29
N PRO B 41 -1.84 -9.21 4.72
CA PRO B 41 -2.57 -9.99 5.74
C PRO B 41 -2.95 -9.09 6.92
N PRO B 42 -4.11 -9.31 7.52
CA PRO B 42 -4.52 -8.44 8.64
C PRO B 42 -3.44 -8.46 9.73
N GLY B 43 -3.03 -7.25 10.14
CA GLY B 43 -2.00 -7.10 11.16
C GLY B 43 -0.61 -7.58 10.78
N LYS B 44 -0.34 -7.84 9.50
CA LYS B 44 0.98 -8.23 9.02
C LYS B 44 1.50 -7.16 8.06
N GLY B 45 2.61 -7.47 7.36
CA GLY B 45 3.26 -6.51 6.49
C GLY B 45 2.82 -6.60 5.04
N LEU B 46 3.35 -5.68 4.23
CA LEU B 46 3.02 -5.61 2.81
C LEU B 46 3.85 -6.62 2.03
N GLU B 47 3.23 -7.19 0.99
CA GLU B 47 3.90 -8.11 0.07
C GLU B 47 3.46 -7.76 -1.35
N TRP B 48 4.42 -7.44 -2.20
CA TRP B 48 4.14 -7.15 -3.60
C TRP B 48 3.79 -8.43 -4.34
N ILE B 49 2.72 -8.39 -5.12
CA ILE B 49 2.28 -9.53 -5.91
C ILE B 49 2.86 -9.49 -7.31
N GLY B 50 2.69 -8.38 -8.01
CA GLY B 50 3.11 -8.31 -9.39
C GLY B 50 2.77 -6.96 -9.99
N GLU B 51 3.26 -6.77 -11.20
CA GLU B 51 3.05 -5.51 -11.91
C GLU B 51 2.84 -5.81 -13.39
N ILE B 52 2.16 -4.87 -14.06
CA ILE B 52 1.89 -4.96 -15.49
C ILE B 52 2.03 -3.59 -16.12
N TYR B 53 2.50 -3.57 -17.37
CA TYR B 53 2.56 -2.39 -18.21
C TYR B 53 1.44 -2.51 -19.24
N HIS B 54 0.97 -1.36 -19.77
CA HIS B 54 -0.21 -1.39 -20.63
C HIS B 54 0.03 -2.23 -21.88
N SER B 55 1.29 -2.31 -22.33
CA SER B 55 1.68 -3.15 -23.46
C SER B 55 1.48 -4.64 -23.21
N GLY B 56 1.45 -5.06 -21.95
CA GLY B 56 1.24 -6.46 -21.60
C GLY B 56 2.34 -7.07 -20.77
N SER B 57 3.54 -6.49 -20.77
CA SER B 57 4.64 -7.05 -19.99
C SER B 57 4.32 -7.05 -18.50
N THR B 58 4.80 -8.08 -17.82
CA THR B 58 4.55 -8.31 -16.40
C THR B 58 5.83 -8.72 -15.70
N ASN B 59 5.96 -8.31 -14.46
CA ASN B 59 6.87 -8.93 -13.50
C ASN B 59 6.05 -9.39 -12.31
N TYR B 60 6.32 -10.61 -11.85
CA TYR B 60 5.62 -11.23 -10.75
C TYR B 60 6.59 -11.50 -9.62
N ASN B 61 6.06 -11.48 -8.40
CA ASN B 61 6.81 -11.93 -7.24
C ASN B 61 7.17 -13.40 -7.41
N PRO B 62 8.46 -13.76 -7.29
CA PRO B 62 8.84 -15.18 -7.44
C PRO B 62 8.10 -16.13 -6.50
N SER B 63 7.73 -15.69 -5.29
CA SER B 63 7.04 -16.57 -4.36
C SER B 63 5.62 -16.92 -4.79
N LEU B 64 5.07 -16.21 -5.79
CA LEU B 64 3.71 -16.46 -6.24
C LEU B 64 3.61 -16.69 -7.73
N LYS B 65 4.74 -16.63 -8.46
CA LYS B 65 4.73 -16.51 -9.92
C LYS B 65 3.94 -17.61 -10.60
N SER B 66 3.95 -18.83 -10.03
CA SER B 66 3.18 -19.92 -10.61
C SER B 66 1.67 -19.70 -10.50
N ARG B 67 1.21 -18.99 -9.46
CA ARG B 67 -0.20 -18.85 -9.14
C ARG B 67 -0.82 -17.54 -9.61
N VAL B 68 -0.06 -16.67 -10.26
CA VAL B 68 -0.45 -15.28 -10.48
C VAL B 68 -0.60 -15.00 -11.96
N THR B 69 -1.70 -14.34 -12.31
CA THR B 69 -1.89 -13.76 -13.63
C THR B 69 -2.42 -12.35 -13.44
N ILE B 70 -1.73 -11.38 -14.02
CA ILE B 70 -2.20 -10.00 -14.05
C ILE B 70 -2.44 -9.62 -15.50
N SER B 71 -3.56 -8.97 -15.77
CA SER B 71 -3.98 -8.63 -17.13
C SER B 71 -4.44 -7.19 -17.18
N VAL B 72 -4.56 -6.67 -18.41
CA VAL B 72 -4.92 -5.28 -18.66
C VAL B 72 -6.06 -5.24 -19.66
N ASP B 73 -7.10 -4.45 -19.35
CA ASP B 73 -8.24 -4.21 -20.23
C ASP B 73 -8.25 -2.73 -20.56
N LYS B 74 -7.66 -2.36 -21.69
CA LYS B 74 -7.58 -0.95 -22.05
C LYS B 74 -8.95 -0.36 -22.38
N SER B 75 -9.91 -1.20 -22.80
CA SER B 75 -11.22 -0.67 -23.19
C SER B 75 -12.06 -0.27 -21.98
N LYS B 76 -11.88 -0.93 -20.83
CA LYS B 76 -12.56 -0.53 -19.60
C LYS B 76 -11.68 0.30 -18.67
N ASN B 77 -10.46 0.64 -19.11
CA ASN B 77 -9.48 1.35 -18.29
C ASN B 77 -9.30 0.63 -16.95
N GLN B 78 -8.87 -0.62 -17.05
CA GLN B 78 -8.86 -1.53 -15.90
C GLN B 78 -7.65 -2.43 -15.98
N PHE B 79 -7.23 -2.94 -14.82
CA PHE B 79 -6.38 -4.10 -14.78
C PHE B 79 -6.84 -5.00 -13.63
N SER B 80 -6.44 -6.26 -13.70
CA SER B 80 -7.07 -7.26 -12.88
C SER B 80 -6.04 -8.27 -12.39
N LEU B 81 -6.47 -9.02 -11.36
CA LEU B 81 -5.63 -10.01 -10.68
C LEU B 81 -6.37 -11.33 -10.65
N LYS B 82 -5.66 -12.40 -10.97
CA LYS B 82 -6.15 -13.77 -10.78
C LYS B 82 -5.10 -14.53 -9.98
N LEU B 83 -5.47 -14.98 -8.79
CA LEU B 83 -4.61 -15.75 -7.90
C LEU B 83 -5.25 -17.13 -7.72
N SER B 84 -4.63 -18.15 -8.30
CA SER B 84 -5.16 -19.50 -8.20
C SER B 84 -4.54 -20.25 -7.04
N SER B 85 -5.03 -21.48 -6.83
CA SER B 85 -4.51 -22.41 -5.82
C SER B 85 -4.38 -21.73 -4.47
N VAL B 86 -5.43 -21.01 -4.08
CA VAL B 86 -5.43 -20.21 -2.86
C VAL B 86 -5.70 -21.08 -1.65
N THR B 87 -5.17 -20.67 -0.50
CA THR B 87 -5.46 -21.26 0.80
C THR B 87 -5.77 -20.12 1.77
N ALA B 88 -6.12 -20.48 3.02
CA ALA B 88 -6.46 -19.48 4.01
C ALA B 88 -5.32 -18.47 4.23
N ALA B 89 -4.08 -18.87 3.93
CA ALA B 89 -2.94 -17.97 4.04
C ALA B 89 -3.02 -16.80 3.04
N ASP B 90 -3.82 -16.92 1.98
CA ASP B 90 -3.95 -15.80 1.06
C ASP B 90 -4.97 -14.76 1.52
N THR B 91 -5.56 -14.94 2.71
CA THR B 91 -6.42 -13.92 3.28
C THR B 91 -5.65 -12.64 3.51
N ALA B 92 -6.10 -11.55 2.91
CA ALA B 92 -5.33 -10.31 2.93
C ALA B 92 -6.20 -9.17 2.42
N VAL B 93 -5.83 -7.95 2.79
CA VAL B 93 -6.31 -6.77 2.09
C VAL B 93 -5.49 -6.64 0.82
N TYR B 94 -6.17 -6.66 -0.32
CA TYR B 94 -5.53 -6.52 -1.63
C TYR B 94 -5.68 -5.09 -2.13
N TYR B 95 -4.54 -4.48 -2.48
CA TYR B 95 -4.45 -3.13 -3.01
C TYR B 95 -3.98 -3.19 -4.46
N CYS B 96 -4.56 -2.34 -5.31
CA CYS B 96 -3.96 -2.01 -6.59
C CYS B 96 -3.27 -0.65 -6.49
N ALA B 97 -2.29 -0.42 -7.37
CA ALA B 97 -1.46 0.78 -7.26
C ALA B 97 -0.86 1.14 -8.60
N ARG B 98 -0.49 2.41 -8.74
CA ARG B 98 0.24 2.90 -9.91
C ARG B 98 1.58 3.45 -9.46
N GLY B 99 2.62 3.13 -10.22
CA GLY B 99 3.93 3.68 -9.93
C GLY B 99 4.89 3.46 -11.06
N SER B 100 6.18 3.50 -10.72
CA SER B 100 7.30 3.43 -11.67
C SER B 100 7.04 4.28 -12.91
N SER B 101 6.90 5.57 -12.65
CA SER B 101 6.71 6.56 -13.71
C SER B 101 7.93 6.61 -14.62
N SER B 102 7.69 6.51 -15.94
CA SER B 102 8.75 6.84 -16.89
C SER B 102 9.07 8.33 -16.90
N TRP B 103 8.16 9.18 -16.42
CA TRP B 103 8.41 10.61 -16.51
C TRP B 103 9.30 11.09 -15.38
N TYR B 104 8.94 10.76 -14.14
CA TYR B 104 9.67 11.22 -12.96
C TYR B 104 9.50 10.18 -11.87
N ASP B 105 10.57 9.46 -11.55
CA ASP B 105 10.44 8.31 -10.67
C ASP B 105 10.13 8.74 -9.25
N LEU B 106 9.02 8.22 -8.71
CA LEU B 106 8.69 8.33 -7.30
C LEU B 106 8.66 6.98 -6.62
N GLY B 107 9.05 5.93 -7.32
CA GLY B 107 8.97 4.61 -6.75
C GLY B 107 7.84 3.80 -7.33
N PRO B 108 7.61 2.63 -6.74
CA PRO B 108 6.72 1.66 -7.38
C PRO B 108 5.23 1.87 -7.09
N PHE B 109 4.91 2.60 -6.02
CA PHE B 109 3.52 2.70 -5.56
C PHE B 109 3.21 4.17 -5.29
N ASP B 110 3.06 4.93 -6.39
CA ASP B 110 2.78 6.35 -6.27
C ASP B 110 1.36 6.58 -5.76
N TYR B 111 0.41 5.79 -6.23
CA TYR B 111 -0.99 5.96 -5.86
C TYR B 111 -1.57 4.60 -5.55
N TRP B 112 -2.39 4.53 -4.50
CA TRP B 112 -2.97 3.28 -4.06
C TRP B 112 -4.48 3.36 -4.11
N GLY B 113 -5.10 2.22 -4.36
CA GLY B 113 -6.51 2.06 -4.11
C GLY B 113 -6.80 1.97 -2.61
N GLN B 114 -8.09 1.81 -2.31
CA GLN B 114 -8.51 1.76 -0.92
C GLN B 114 -8.17 0.43 -0.27
N GLY B 115 -8.06 -0.62 -1.07
CA GLY B 115 -7.88 -1.96 -0.53
C GLY B 115 -9.20 -2.68 -0.36
N THR B 116 -9.20 -3.99 -0.58
CA THR B 116 -10.39 -4.79 -0.31
C THR B 116 -9.96 -6.08 0.39
N LEU B 117 -10.65 -6.41 1.48
CA LEU B 117 -10.37 -7.63 2.20
C LEU B 117 -10.95 -8.81 1.41
N VAL B 118 -10.10 -9.76 1.06
CA VAL B 118 -10.56 -11.06 0.58
C VAL B 118 -10.20 -12.08 1.65
N THR B 119 -11.22 -12.77 2.16
CA THR B 119 -11.03 -13.93 3.00
C THR B 119 -11.00 -15.18 2.13
N VAL B 120 -10.06 -16.07 2.41
CA VAL B 120 -9.99 -17.35 1.72
C VAL B 120 -10.25 -18.43 2.75
N SER B 121 -11.29 -19.23 2.53
CA SER B 121 -11.63 -20.31 3.46
C SER B 121 -12.48 -21.32 2.70
N SER B 122 -12.08 -22.60 2.78
CA SER B 122 -12.85 -23.70 2.20
C SER B 122 -13.93 -24.21 3.15
N ALA B 123 -14.28 -23.44 4.18
CA ALA B 123 -15.14 -23.93 5.24
C ALA B 123 -16.58 -23.52 4.99
N SER B 124 -17.47 -24.50 4.94
CA SER B 124 -18.88 -24.16 4.94
C SER B 124 -19.26 -23.59 6.31
N THR B 125 -20.40 -22.89 6.34
CA THR B 125 -20.86 -22.23 7.56
C THR B 125 -20.88 -23.20 8.72
N LYS B 126 -20.54 -22.69 9.92
CA LYS B 126 -20.32 -23.55 11.07
C LYS B 126 -20.29 -22.76 12.36
N GLY B 127 -21.06 -23.18 13.35
CA GLY B 127 -21.08 -22.53 14.64
C GLY B 127 -19.91 -22.96 15.50
N PRO B 128 -19.62 -22.20 16.56
CA PRO B 128 -18.41 -22.46 17.35
C PRO B 128 -18.59 -23.45 18.47
N SER B 129 -17.48 -24.12 18.80
CA SER B 129 -17.34 -24.83 20.07
C SER B 129 -16.76 -23.86 21.09
N VAL B 130 -17.31 -23.88 22.30
CA VAL B 130 -16.94 -22.93 23.34
C VAL B 130 -16.36 -23.70 24.52
N PHE B 131 -15.09 -23.42 24.85
CA PHE B 131 -14.34 -24.05 25.93
C PHE B 131 -13.97 -23.00 26.97
N PRO B 132 -13.76 -23.42 28.24
CA PRO B 132 -13.49 -22.43 29.30
C PRO B 132 -12.03 -22.32 29.72
N LEU B 133 -11.62 -21.11 30.13
CA LEU B 133 -10.26 -20.82 30.59
C LEU B 133 -10.30 -20.45 32.07
N ALA B 134 -9.93 -21.41 32.94
CA ALA B 134 -10.02 -21.38 34.40
C ALA B 134 -8.79 -20.74 35.04
N PRO B 135 -8.94 -20.04 36.16
CA PRO B 135 -7.78 -19.48 36.86
C PRO B 135 -7.15 -20.47 37.84
N SER B 136 -5.94 -20.16 38.26
CA SER B 136 -5.24 -20.98 39.25
C SER B 136 -5.40 -20.40 40.66
N GLY B 143 -3.17 -11.08 45.00
CA GLY B 143 -2.98 -10.51 43.69
C GLY B 143 -4.06 -10.90 42.70
N THR B 144 -4.16 -10.16 41.60
CA THR B 144 -5.20 -10.36 40.61
C THR B 144 -5.08 -11.76 39.97
N ALA B 145 -6.20 -12.22 39.40
CA ALA B 145 -6.23 -13.46 38.63
C ALA B 145 -7.12 -13.27 37.41
N ALA B 146 -6.79 -14.00 36.33
CA ALA B 146 -7.49 -13.89 35.06
C ALA B 146 -8.22 -15.19 34.71
N LEU B 147 -9.27 -15.07 33.89
CA LEU B 147 -10.09 -16.19 33.44
C LEU B 147 -10.76 -15.78 32.14
N GLY B 148 -11.31 -16.76 31.42
CA GLY B 148 -11.99 -16.42 30.19
C GLY B 148 -12.63 -17.61 29.48
N CYS B 149 -13.06 -17.34 28.24
CA CYS B 149 -13.77 -18.29 27.37
C CYS B 149 -13.10 -18.34 26.00
N LEU B 150 -12.87 -19.56 25.49
CA LEU B 150 -12.26 -19.79 24.18
C LEU B 150 -13.33 -20.20 23.18
N VAL B 151 -13.51 -19.41 22.13
CA VAL B 151 -14.59 -19.58 21.15
C VAL B 151 -13.98 -20.14 19.88
N LYS B 152 -14.15 -21.44 19.63
CA LYS B 152 -13.30 -22.18 18.71
C LYS B 152 -14.02 -22.57 17.41
N ASP B 153 -13.32 -22.37 16.29
CA ASP B 153 -13.59 -23.08 15.04
C ASP B 153 -14.95 -22.71 14.43
N TYR B 154 -15.15 -21.42 14.18
CA TYR B 154 -16.42 -20.94 13.64
C TYR B 154 -16.17 -20.21 12.32
N PHE B 155 -17.23 -20.15 11.50
CA PHE B 155 -17.19 -19.48 10.22
C PHE B 155 -18.60 -19.17 9.73
N PRO B 156 -18.87 -17.93 9.31
CA PRO B 156 -17.88 -16.86 9.32
C PRO B 156 -18.01 -15.95 10.53
N GLU B 157 -17.26 -14.86 10.53
CA GLU B 157 -17.46 -13.81 11.50
C GLU B 157 -18.82 -13.14 11.25
N PRO B 158 -19.36 -12.42 12.23
CA PRO B 158 -18.78 -12.19 13.56
C PRO B 158 -19.32 -13.15 14.59
N VAL B 159 -18.81 -13.02 15.80
CA VAL B 159 -19.31 -13.77 16.93
C VAL B 159 -19.55 -12.76 18.04
N THR B 160 -20.79 -12.61 18.44
CA THR B 160 -21.10 -11.82 19.61
C THR B 160 -20.79 -12.64 20.85
N VAL B 161 -20.03 -12.04 21.78
CA VAL B 161 -19.77 -12.66 23.07
C VAL B 161 -20.26 -11.68 24.12
N SER B 162 -21.42 -11.95 24.70
CA SER B 162 -21.82 -11.29 25.93
C SER B 162 -21.43 -12.16 27.13
N TRP B 163 -21.56 -11.60 28.32
CA TRP B 163 -21.24 -12.28 29.57
C TRP B 163 -22.36 -12.07 30.56
N ASN B 164 -22.75 -13.15 31.25
CA ASN B 164 -23.85 -13.10 32.23
C ASN B 164 -25.13 -12.55 31.61
N SER B 165 -25.40 -12.95 30.36
CA SER B 165 -26.60 -12.59 29.60
C SER B 165 -26.69 -11.10 29.33
N GLY B 166 -25.56 -10.38 29.34
CA GLY B 166 -25.60 -8.94 29.24
C GLY B 166 -25.68 -8.28 30.59
N ALA B 167 -24.83 -8.71 31.52
CA ALA B 167 -24.74 -8.08 32.84
C ALA B 167 -23.33 -7.96 33.38
N LEU B 168 -22.38 -8.73 32.88
CA LEU B 168 -20.98 -8.64 33.30
C LEU B 168 -20.24 -7.83 32.24
N THR B 169 -19.96 -6.58 32.56
CA THR B 169 -19.37 -5.63 31.62
C THR B 169 -17.92 -5.25 31.95
N SER B 170 -17.55 -5.20 33.22
CA SER B 170 -16.23 -4.70 33.60
C SER B 170 -15.15 -5.75 33.41
N GLY B 171 -13.98 -5.30 32.96
CA GLY B 171 -12.85 -6.18 32.71
C GLY B 171 -13.00 -7.09 31.51
N VAL B 172 -14.15 -7.08 30.85
CA VAL B 172 -14.35 -7.92 29.66
C VAL B 172 -13.50 -7.34 28.55
N HIS B 173 -12.44 -8.07 28.19
CA HIS B 173 -11.70 -7.78 26.97
C HIS B 173 -11.89 -8.97 26.04
N THR B 174 -12.73 -8.79 25.02
CA THR B 174 -12.87 -9.77 23.96
C THR B 174 -11.83 -9.45 22.88
N PHE B 175 -10.99 -10.44 22.58
CA PHE B 175 -9.91 -10.24 21.63
C PHE B 175 -10.43 -10.35 20.20
N PRO B 176 -9.75 -9.72 19.24
CA PRO B 176 -10.06 -9.97 17.84
C PRO B 176 -9.80 -11.42 17.50
N ALA B 177 -10.51 -11.93 16.51
CA ALA B 177 -10.37 -13.32 16.13
C ALA B 177 -9.11 -13.56 15.31
N VAL B 178 -8.60 -14.77 15.40
CA VAL B 178 -7.59 -15.24 14.47
C VAL B 178 -8.29 -16.12 13.43
N LEU B 179 -7.71 -16.15 12.24
CA LEU B 179 -8.12 -17.09 11.20
C LEU B 179 -7.05 -18.17 11.15
N GLN B 180 -7.42 -19.40 11.49
CA GLN B 180 -6.45 -20.47 11.48
C GLN B 180 -6.33 -21.08 10.08
N SER B 181 -5.28 -21.87 9.87
CA SER B 181 -5.06 -22.45 8.55
C SER B 181 -6.16 -23.42 8.14
N SER B 182 -7.08 -23.73 9.04
CA SER B 182 -8.27 -24.51 8.70
C SER B 182 -9.33 -23.69 7.99
N GLY B 183 -9.18 -22.37 7.95
CA GLY B 183 -10.24 -21.54 7.43
C GLY B 183 -11.33 -21.22 8.42
N LEU B 184 -11.12 -21.51 9.70
CA LEU B 184 -12.09 -21.24 10.75
C LEU B 184 -11.51 -20.25 11.75
N TYR B 185 -12.36 -19.40 12.29
CA TYR B 185 -11.89 -18.43 13.26
C TYR B 185 -11.91 -18.99 14.69
N SER B 186 -11.13 -18.36 15.55
CA SER B 186 -11.24 -18.50 17.00
C SER B 186 -10.92 -17.17 17.67
N LEU B 187 -11.53 -16.93 18.82
CA LEU B 187 -11.17 -15.80 19.66
C LEU B 187 -11.29 -16.21 21.13
N SER B 188 -10.80 -15.34 22.00
CA SER B 188 -10.95 -15.46 23.44
C SER B 188 -11.63 -14.22 23.99
N SER B 189 -12.07 -14.34 25.24
CA SER B 189 -12.62 -13.24 26.02
C SER B 189 -12.24 -13.48 27.47
N VAL B 190 -11.60 -12.49 28.12
CA VAL B 190 -11.01 -12.67 29.44
C VAL B 190 -11.49 -11.60 30.39
N VAL B 191 -11.30 -11.86 31.70
CA VAL B 191 -11.67 -10.94 32.78
C VAL B 191 -10.58 -11.00 33.85
N THR B 192 -10.12 -9.83 34.30
CA THR B 192 -9.15 -9.75 35.39
C THR B 192 -9.90 -9.56 36.70
N VAL B 193 -9.60 -10.41 37.68
CA VAL B 193 -10.38 -10.48 38.92
C VAL B 193 -9.45 -10.64 40.12
N PRO B 194 -9.74 -10.04 41.28
CA PRO B 194 -8.91 -10.30 42.47
C PRO B 194 -8.99 -11.76 42.88
N SER B 195 -7.87 -12.27 43.39
CA SER B 195 -7.84 -13.59 44.00
C SER B 195 -8.54 -13.51 45.37
N GLY B 199 -11.26 -13.42 47.06
CA GLY B 199 -11.95 -12.45 46.23
C GLY B 199 -12.47 -13.03 44.92
N THR B 200 -12.74 -14.32 44.93
CA THR B 200 -13.22 -15.06 43.78
C THR B 200 -14.69 -15.44 43.99
N GLN B 201 -15.39 -15.67 42.87
CA GLN B 201 -16.80 -16.06 42.93
C GLN B 201 -17.28 -16.83 41.70
N THR B 202 -18.22 -16.25 40.94
CA THR B 202 -18.88 -16.93 39.82
C THR B 202 -18.89 -16.04 38.58
N TYR B 203 -18.61 -16.65 37.42
CA TYR B 203 -18.43 -15.94 36.14
C TYR B 203 -18.82 -16.84 34.97
N ILE B 204 -19.54 -16.29 33.97
CA ILE B 204 -20.10 -17.08 32.85
C ILE B 204 -20.11 -16.24 31.57
N CYS B 205 -19.91 -16.90 30.40
CA CYS B 205 -19.97 -16.26 29.08
C CYS B 205 -21.08 -16.83 28.18
N ASN B 206 -21.46 -16.05 27.14
CA ASN B 206 -22.52 -16.38 26.18
C ASN B 206 -22.12 -15.98 24.75
N VAL B 207 -22.45 -16.83 23.77
CA VAL B 207 -21.92 -16.74 22.39
C VAL B 207 -23.05 -16.83 21.38
N ASN B 208 -23.02 -15.97 20.35
CA ASN B 208 -23.99 -16.00 19.27
C ASN B 208 -23.29 -16.03 17.91
N HIS B 209 -23.82 -16.84 16.99
CA HIS B 209 -23.26 -16.92 15.63
C HIS B 209 -24.42 -16.97 14.64
N LYS B 210 -24.85 -15.79 14.16
CA LYS B 210 -26.02 -15.69 13.30
C LYS B 210 -25.93 -16.49 12.00
N PRO B 211 -24.82 -16.46 11.24
CA PRO B 211 -24.85 -17.08 9.89
C PRO B 211 -25.27 -18.53 9.85
N SER B 212 -25.07 -19.28 10.94
CA SER B 212 -25.51 -20.67 11.05
C SER B 212 -26.75 -20.81 11.93
N ASN B 213 -27.31 -19.70 12.41
CA ASN B 213 -28.38 -19.68 13.40
C ASN B 213 -27.96 -20.41 14.68
N THR B 214 -26.72 -20.17 15.11
CA THR B 214 -26.16 -20.77 16.33
C THR B 214 -26.19 -19.77 17.48
N LYS B 215 -26.17 -20.32 18.69
CA LYS B 215 -26.36 -19.55 19.91
C LYS B 215 -26.03 -20.43 21.12
N VAL B 216 -24.97 -20.10 21.86
CA VAL B 216 -24.41 -20.96 22.90
C VAL B 216 -24.24 -20.17 24.20
N ASP B 217 -24.45 -20.85 25.33
CA ASP B 217 -24.17 -20.33 26.67
C ASP B 217 -23.31 -21.36 27.40
N LYS B 218 -22.33 -20.89 28.19
CA LYS B 218 -21.35 -21.82 28.75
C LYS B 218 -20.74 -21.27 30.04
N LYS B 219 -20.89 -21.99 31.14
CA LYS B 219 -20.39 -21.55 32.44
C LYS B 219 -18.90 -21.83 32.57
N VAL B 220 -18.15 -20.84 33.06
CA VAL B 220 -16.71 -20.99 33.29
C VAL B 220 -16.49 -21.31 34.75
N GLU B 221 -16.06 -22.53 35.03
CA GLU B 221 -15.80 -22.91 36.42
C GLU B 221 -14.29 -23.09 36.64
N PRO B 222 -13.80 -22.78 37.86
CA PRO B 222 -12.37 -22.90 38.19
C PRO B 222 -11.91 -24.35 38.28
N SER C 1 9.27 -11.08 5.02
CA SER C 1 9.79 -9.90 4.35
C SER C 1 11.25 -10.08 3.99
N VAL C 2 11.64 -9.61 2.80
CA VAL C 2 13.01 -9.78 2.35
C VAL C 2 13.94 -8.73 2.97
N LEU C 3 13.44 -7.52 3.22
CA LEU C 3 14.17 -6.50 3.96
C LEU C 3 13.83 -6.63 5.44
N THR C 4 14.71 -6.11 6.29
CA THR C 4 14.58 -6.28 7.73
C THR C 4 14.44 -4.93 8.40
N GLN C 5 13.37 -4.78 9.17
CA GLN C 5 13.16 -3.61 10.03
C GLN C 5 12.88 -4.05 11.45
N PRO C 6 13.30 -3.25 12.43
CA PRO C 6 12.83 -3.47 13.80
C PRO C 6 11.32 -3.45 13.86
N PRO C 7 10.71 -4.34 14.65
CA PRO C 7 9.23 -4.40 14.68
C PRO C 7 8.58 -3.16 15.26
N SER C 8 9.25 -2.43 16.14
CA SER C 8 8.63 -1.25 16.74
C SER C 8 9.69 -0.19 17.06
N ALA C 9 9.22 1.04 17.18
CA ALA C 9 10.02 2.16 17.61
C ALA C 9 9.10 3.08 18.38
N SER C 10 9.68 3.97 19.18
CA SER C 10 8.84 4.92 19.91
C SER C 10 9.67 6.12 20.31
N GLY C 11 8.97 7.20 20.65
CA GLY C 11 9.63 8.41 21.12
C GLY C 11 8.60 9.38 21.64
N THR C 12 9.09 10.36 22.43
CA THR C 12 8.16 11.35 22.98
C THR C 12 7.91 12.46 21.96
N PRO C 13 6.78 13.14 22.03
CA PRO C 13 6.56 14.30 21.17
C PRO C 13 7.73 15.28 21.27
N GLY C 14 8.23 15.72 20.12
CA GLY C 14 9.32 16.65 20.04
C GLY C 14 10.69 16.04 19.88
N GLN C 15 10.86 14.75 20.13
CA GLN C 15 12.19 14.18 20.05
C GLN C 15 12.41 13.54 18.67
N ARG C 16 13.60 13.00 18.47
CA ARG C 16 14.02 12.42 17.19
C ARG C 16 14.01 10.89 17.31
N VAL C 17 13.51 10.22 16.28
CA VAL C 17 13.49 8.76 16.23
C VAL C 17 14.05 8.34 14.88
N THR C 18 14.79 7.22 14.85
CA THR C 18 15.26 6.63 13.60
C THR C 18 14.71 5.22 13.45
N ILE C 19 14.47 4.83 12.20
CA ILE C 19 13.93 3.53 11.85
C ILE C 19 14.85 2.93 10.80
N SER C 20 15.42 1.76 11.08
CA SER C 20 16.41 1.18 10.20
C SER C 20 15.79 0.16 9.24
N CYS C 21 16.50 -0.09 8.14
CA CYS C 21 16.06 -1.01 7.12
C CYS C 21 17.30 -1.67 6.53
N SER C 22 17.46 -2.97 6.72
CA SER C 22 18.63 -3.71 6.27
C SER C 22 18.26 -4.66 5.16
N GLY C 23 19.12 -4.73 4.16
CA GLY C 23 18.94 -5.63 3.04
C GLY C 23 20.29 -6.17 2.62
N SER C 24 20.46 -6.39 1.33
CA SER C 24 21.67 -7.02 0.80
C SER C 24 22.12 -6.29 -0.44
N SER C 25 23.18 -6.81 -1.06
CA SER C 25 23.71 -6.19 -2.26
C SER C 25 22.71 -6.26 -3.41
N SER C 26 21.85 -7.28 -3.43
CA SER C 26 20.92 -7.41 -4.55
C SER C 26 19.76 -6.41 -4.48
N ASN C 27 19.46 -5.85 -3.31
CA ASN C 27 18.37 -4.89 -3.25
C ASN C 27 18.88 -3.51 -2.85
N ILE C 28 18.89 -3.22 -1.55
CA ILE C 28 19.29 -1.90 -1.07
C ILE C 28 20.69 -1.52 -1.59
N GLY C 29 21.59 -2.49 -1.68
CA GLY C 29 22.94 -2.20 -2.11
C GLY C 29 23.03 -1.72 -3.55
N SER C 30 22.09 -2.13 -4.40
CA SER C 30 22.13 -1.78 -5.82
C SER C 30 21.08 -0.76 -6.22
N ASN C 31 20.13 -0.43 -5.35
CA ASN C 31 18.92 0.24 -5.81
C ASN C 31 18.47 1.30 -4.82
N TYR C 32 17.57 2.17 -5.31
CA TYR C 32 16.99 3.20 -4.46
C TYR C 32 16.05 2.57 -3.44
N VAL C 33 15.92 3.25 -2.32
CA VAL C 33 14.99 2.86 -1.27
C VAL C 33 13.86 3.88 -1.23
N TYR C 34 12.65 3.39 -1.04
CA TYR C 34 11.43 4.18 -0.93
C TYR C 34 10.78 3.85 0.40
N TRP C 35 10.19 4.85 1.05
CA TRP C 35 9.53 4.65 2.33
C TRP C 35 8.05 4.97 2.22
N TYR C 36 7.22 4.15 2.85
CA TYR C 36 5.77 4.33 2.88
C TYR C 36 5.29 4.41 4.32
N GLN C 37 4.36 5.32 4.56
CA GLN C 37 3.74 5.53 5.86
C GLN C 37 2.31 5.01 5.80
N GLN C 38 1.95 4.13 6.71
CA GLN C 38 0.57 3.63 6.75
C GLN C 38 -0.06 4.07 8.07
N LEU C 39 -0.85 5.12 8.02
CA LEU C 39 -1.65 5.50 9.16
C LEU C 39 -2.66 4.40 9.47
N PRO C 40 -3.06 4.28 10.74
CA PRO C 40 -4.03 3.23 11.11
C PRO C 40 -5.32 3.35 10.31
N GLY C 41 -5.76 2.21 9.77
CA GLY C 41 -6.96 2.16 8.97
C GLY C 41 -6.84 2.63 7.53
N THR C 42 -5.68 3.09 7.08
CA THR C 42 -5.56 3.65 5.75
C THR C 42 -4.61 2.82 4.88
N ALA C 43 -4.55 3.17 3.60
CA ALA C 43 -3.58 2.54 2.73
C ALA C 43 -2.21 3.17 2.92
N PRO C 44 -1.13 2.41 2.67
CA PRO C 44 0.21 3.01 2.68
C PRO C 44 0.28 4.22 1.77
N LYS C 45 1.18 5.15 2.07
CA LYS C 45 1.33 6.34 1.26
C LYS C 45 2.80 6.69 1.19
N LEU C 46 3.24 7.14 0.03
CA LEU C 46 4.65 7.43 -0.20
C LEU C 46 5.12 8.53 0.75
N LEU C 47 6.26 8.27 1.39
CA LEU C 47 6.82 9.20 2.37
C LEU C 47 8.17 9.74 1.96
N ILE C 48 9.04 8.86 1.42
CA ILE C 48 10.38 9.22 0.94
C ILE C 48 10.62 8.43 -0.33
N TYR C 49 11.16 9.07 -1.36
CA TYR C 49 11.54 8.36 -2.57
C TYR C 49 13.02 8.58 -2.88
N ARG C 50 13.61 7.61 -3.59
CA ARG C 50 15.01 7.64 -4.00
C ARG C 50 15.94 8.02 -2.83
N ASN C 51 15.82 7.25 -1.74
CA ASN C 51 16.65 7.36 -0.54
C ASN C 51 16.30 8.54 0.36
N ASN C 52 16.16 9.73 -0.21
CA ASN C 52 16.16 10.93 0.64
C ASN C 52 15.31 12.06 0.10
N GLN C 53 14.44 11.83 -0.88
CA GLN C 53 13.62 12.92 -1.41
C GLN C 53 12.20 12.87 -0.87
N ARG C 54 11.60 14.05 -0.70
CA ARG C 54 10.29 14.15 -0.07
C ARG C 54 9.25 14.58 -1.10
N PRO C 55 8.16 13.83 -1.28
CA PRO C 55 7.09 14.30 -2.15
C PRO C 55 6.31 15.40 -1.47
N SER C 56 5.38 16.01 -2.22
CA SER C 56 4.58 17.11 -1.70
C SER C 56 3.82 16.71 -0.45
N GLY C 57 3.78 17.61 0.52
CA GLY C 57 3.03 17.42 1.74
C GLY C 57 3.81 16.74 2.84
N VAL C 58 5.01 16.25 2.55
CA VAL C 58 5.84 15.59 3.55
C VAL C 58 6.81 16.63 4.11
N PRO C 59 6.70 16.99 5.39
CA PRO C 59 7.53 18.07 5.92
C PRO C 59 8.97 17.63 6.10
N ASP C 60 9.86 18.62 6.19
CA ASP C 60 11.30 18.36 6.19
C ASP C 60 11.77 17.72 7.49
N ARG C 61 10.90 17.51 8.47
CA ARG C 61 11.34 16.75 9.63
C ARG C 61 11.43 15.25 9.35
N PHE C 62 10.81 14.76 8.27
CA PHE C 62 11.10 13.42 7.76
C PHE C 62 12.32 13.46 6.86
N SER C 63 13.24 12.52 7.06
CA SER C 63 14.44 12.49 6.24
C SER C 63 14.94 11.07 6.09
N GLY C 64 15.50 10.76 4.93
CA GLY C 64 15.95 9.41 4.68
C GLY C 64 17.40 9.41 4.28
N SER C 65 18.06 8.28 4.51
CA SER C 65 19.42 8.11 4.04
C SER C 65 19.60 6.64 3.65
N LYS C 66 20.69 6.39 2.93
CA LYS C 66 21.02 5.04 2.52
C LYS C 66 22.54 4.93 2.55
N SER C 67 23.04 3.88 3.20
CA SER C 67 24.49 3.67 3.26
C SER C 67 24.75 2.18 3.08
N GLY C 68 25.48 1.83 2.02
CA GLY C 68 25.77 0.43 1.74
C GLY C 68 24.52 -0.40 1.49
N THR C 69 24.29 -1.41 2.33
CA THR C 69 23.13 -2.28 2.19
C THR C 69 22.06 -1.97 3.22
N SER C 70 22.15 -0.81 3.86
CA SER C 70 21.18 -0.39 4.87
C SER C 70 20.64 0.99 4.51
N ALA C 71 19.43 1.28 4.99
CA ALA C 71 18.84 2.59 4.84
C ALA C 71 18.21 2.99 6.17
N SER C 72 17.91 4.27 6.31
CA SER C 72 17.43 4.79 7.58
C SER C 72 16.41 5.89 7.35
N LEU C 73 15.30 5.83 8.09
CA LEU C 73 14.34 6.92 8.12
C LEU C 73 14.47 7.63 9.47
N ALA C 74 14.63 8.94 9.45
CA ALA C 74 14.71 9.72 10.68
C ALA C 74 13.53 10.68 10.74
N ILE C 75 12.87 10.73 11.90
CA ILE C 75 11.78 11.67 12.12
C ILE C 75 12.16 12.53 13.31
N SER C 76 12.30 13.82 13.08
CA SER C 76 12.52 14.75 14.18
C SER C 76 11.25 15.54 14.47
N GLY C 77 11.26 16.26 15.60
CA GLY C 77 10.09 16.99 16.01
C GLY C 77 8.84 16.13 16.02
N LEU C 78 8.95 14.99 16.69
CA LEU C 78 7.95 13.94 16.62
C LEU C 78 6.57 14.45 17.03
N ARG C 79 5.55 14.05 16.28
CA ARG C 79 4.19 14.53 16.50
C ARG C 79 3.23 13.35 16.56
N SER C 80 2.12 13.58 17.26
CA SER C 80 1.11 12.54 17.48
C SER C 80 0.61 11.95 16.17
N GLU C 81 0.50 12.77 15.14
CA GLU C 81 0.04 12.28 13.84
C GLU C 81 1.03 11.33 13.19
N ASP C 82 2.29 11.27 13.66
CA ASP C 82 3.31 10.40 13.08
C ASP C 82 3.17 8.96 13.53
N GLU C 83 2.27 8.69 14.47
CA GLU C 83 2.10 7.33 14.96
C GLU C 83 1.46 6.51 13.84
N ALA C 84 2.17 5.47 13.39
CA ALA C 84 1.86 4.77 12.15
C ALA C 84 2.85 3.61 11.96
N ASP C 85 2.58 2.80 10.94
CA ASP C 85 3.52 1.78 10.49
C ASP C 85 4.32 2.29 9.31
N TYR C 86 5.64 2.12 9.38
CA TYR C 86 6.54 2.62 8.34
C TYR C 86 7.16 1.42 7.63
N TYR C 87 7.18 1.45 6.31
CA TYR C 87 7.73 0.35 5.52
C TYR C 87 8.81 0.87 4.58
N CYS C 88 9.92 0.15 4.48
CA CYS C 88 10.88 0.43 3.42
C CYS C 88 10.63 -0.52 2.25
N ALA C 89 11.03 -0.09 1.06
CA ALA C 89 10.87 -0.95 -0.11
C ALA C 89 11.99 -0.67 -1.10
N ALA C 90 12.32 -1.69 -1.90
CA ALA C 90 13.35 -1.57 -2.92
C ALA C 90 13.20 -2.67 -3.96
N TRP C 91 13.75 -2.43 -5.16
CA TRP C 91 13.85 -3.47 -6.18
C TRP C 91 14.99 -4.43 -5.86
N ASP C 92 14.72 -5.72 -6.03
CA ASP C 92 15.71 -6.75 -5.78
C ASP C 92 16.11 -7.37 -7.11
N GLU C 93 17.41 -7.26 -7.45
CA GLU C 93 17.97 -7.76 -8.70
C GLU C 93 17.94 -9.28 -8.79
N ARG C 94 18.11 -9.96 -7.67
CA ARG C 94 18.14 -11.42 -7.70
C ARG C 94 16.75 -11.96 -7.99
N LEU C 95 15.74 -11.39 -7.33
CA LEU C 95 14.37 -11.83 -7.46
C LEU C 95 13.66 -11.24 -8.67
N SER C 96 14.16 -10.13 -9.21
CA SER C 96 13.45 -9.34 -10.20
C SER C 96 12.06 -8.97 -9.70
N GLY C 97 12.03 -8.35 -8.54
CA GLY C 97 10.77 -7.99 -7.93
C GLY C 97 10.98 -6.93 -6.89
N TRP C 98 9.89 -6.27 -6.55
CA TRP C 98 9.88 -5.35 -5.43
C TRP C 98 9.80 -6.11 -4.11
N VAL C 99 10.57 -5.67 -3.12
CA VAL C 99 10.55 -6.29 -1.81
C VAL C 99 10.33 -5.21 -0.75
N PHE C 100 9.80 -5.63 0.38
CA PHE C 100 9.45 -4.77 1.50
C PHE C 100 10.25 -5.17 2.74
N GLY C 101 10.40 -4.22 3.65
CA GLY C 101 10.66 -4.54 5.05
C GLY C 101 9.39 -5.03 5.72
N GLY C 102 9.57 -5.60 6.92
CA GLY C 102 8.43 -6.13 7.63
C GLY C 102 7.52 -5.09 8.26
N GLY C 103 7.93 -3.84 8.28
CA GLY C 103 7.17 -2.80 8.96
C GLY C 103 7.65 -2.51 10.36
N THR C 104 7.67 -1.23 10.74
CA THR C 104 7.95 -0.79 12.10
C THR C 104 6.74 0.00 12.60
N LYS C 105 6.18 -0.43 13.74
CA LYS C 105 5.14 0.35 14.40
C LYS C 105 5.81 1.45 15.21
N LEU C 106 5.62 2.70 14.79
CA LEU C 106 6.13 3.83 15.54
C LEU C 106 5.05 4.31 16.51
N THR C 107 5.36 4.27 17.81
CA THR C 107 4.46 4.78 18.83
C THR C 107 4.96 6.14 19.29
N VAL C 108 4.10 7.16 19.22
CA VAL C 108 4.41 8.46 19.77
C VAL C 108 3.83 8.46 21.18
N LEU C 109 4.70 8.45 22.19
CA LEU C 109 4.30 8.10 23.56
C LEU C 109 3.31 9.10 24.16
N GLY C 110 2.20 8.57 24.67
CA GLY C 110 1.17 9.42 25.25
C GLY C 110 0.67 8.94 26.59
N GLN C 111 1.38 8.01 27.20
CA GLN C 111 1.06 7.48 28.52
C GLN C 111 2.27 6.68 29.01
N PRO C 112 2.33 6.37 30.31
CA PRO C 112 3.51 5.63 30.81
C PRO C 112 3.68 4.31 30.10
N LYS C 113 4.93 3.92 29.90
CA LYS C 113 5.23 2.58 29.43
C LYS C 113 4.79 1.57 30.49
N ALA C 114 4.25 0.44 30.06
CA ALA C 114 3.71 -0.53 30.99
C ALA C 114 4.07 -1.94 30.56
N ALA C 115 4.68 -2.71 31.47
CA ALA C 115 5.07 -4.09 31.20
C ALA C 115 3.85 -4.99 31.14
N PRO C 116 3.81 -5.96 30.23
CA PRO C 116 2.61 -6.78 30.05
C PRO C 116 2.38 -7.71 31.23
N SER C 117 1.11 -8.05 31.45
CA SER C 117 0.71 -9.14 32.32
C SER C 117 0.40 -10.36 31.47
N VAL C 118 1.11 -11.46 31.71
CA VAL C 118 1.02 -12.66 30.88
C VAL C 118 0.39 -13.79 31.68
N THR C 119 -0.68 -14.37 31.15
CA THR C 119 -1.36 -15.51 31.73
C THR C 119 -1.42 -16.62 30.68
N LEU C 120 -0.79 -17.76 30.97
CA LEU C 120 -0.72 -18.87 30.03
C LEU C 120 -1.69 -19.97 30.48
N PHE C 121 -2.72 -20.24 29.65
CA PHE C 121 -3.76 -21.21 29.99
C PHE C 121 -3.52 -22.55 29.32
N PRO C 122 -3.60 -23.66 30.05
CA PRO C 122 -3.53 -24.98 29.42
C PRO C 122 -4.84 -25.37 28.78
N PRO C 123 -4.84 -26.40 27.92
CA PRO C 123 -6.10 -26.83 27.27
C PRO C 123 -7.13 -27.29 28.29
N SER C 124 -8.40 -27.03 27.99
CA SER C 124 -9.45 -27.49 28.89
C SER C 124 -9.71 -28.97 28.69
N SER C 125 -10.30 -29.60 29.72
CA SER C 125 -10.66 -31.01 29.63
C SER C 125 -11.61 -31.28 28.48
N GLU C 126 -12.58 -30.37 28.24
CA GLU C 126 -13.57 -30.66 27.20
C GLU C 126 -12.98 -30.53 25.79
N GLU C 127 -12.02 -29.64 25.60
CA GLU C 127 -11.34 -29.60 24.30
C GLU C 127 -10.45 -30.82 24.10
N LEU C 128 -9.71 -31.20 25.14
CA LEU C 128 -8.93 -32.43 25.07
C LEU C 128 -9.81 -33.62 24.69
N GLN C 129 -11.01 -33.72 25.29
CA GLN C 129 -11.92 -34.80 24.96
C GLN C 129 -12.38 -34.78 23.51
N ALA C 130 -12.31 -33.62 22.86
CA ALA C 130 -12.54 -33.53 21.43
C ALA C 130 -11.27 -33.80 20.63
N ASN C 131 -10.24 -34.37 21.27
CA ASN C 131 -8.96 -34.66 20.63
C ASN C 131 -8.36 -33.39 20.01
N LYS C 132 -8.44 -32.30 20.77
CA LYS C 132 -7.86 -31.02 20.40
C LYS C 132 -7.21 -30.41 21.64
N ALA C 133 -6.22 -29.55 21.42
CA ALA C 133 -5.54 -28.88 22.52
C ALA C 133 -5.13 -27.49 22.06
N THR C 134 -5.50 -26.48 22.84
CA THR C 134 -5.16 -25.10 22.53
C THR C 134 -4.58 -24.45 23.79
N LEU C 135 -3.31 -24.08 23.74
CA LEU C 135 -2.70 -23.26 24.78
C LEU C 135 -2.98 -21.79 24.47
N VAL C 136 -3.59 -21.08 25.41
CA VAL C 136 -3.94 -19.68 25.23
C VAL C 136 -3.05 -18.83 26.12
N CYS C 137 -2.26 -17.97 25.50
CA CYS C 137 -1.35 -17.05 26.17
C CYS C 137 -1.94 -15.65 26.03
N LEU C 138 -2.55 -15.15 27.09
CA LEU C 138 -3.16 -13.84 27.08
C LEU C 138 -2.20 -12.81 27.65
N ILE C 139 -2.06 -11.70 26.94
CA ILE C 139 -1.09 -10.66 27.23
C ILE C 139 -1.87 -9.37 27.45
N SER C 140 -1.68 -8.75 28.62
CA SER C 140 -2.58 -7.68 29.00
C SER C 140 -1.84 -6.51 29.64
N ASP C 141 -2.42 -5.32 29.47
CA ASP C 141 -2.06 -4.10 30.20
C ASP C 141 -0.66 -3.56 29.84
N PHE C 142 -0.25 -3.69 28.58
CA PHE C 142 1.03 -3.13 28.18
C PHE C 142 0.85 -1.91 27.29
N TYR C 143 1.83 -1.01 27.35
CA TYR C 143 1.95 0.14 26.47
C TYR C 143 3.40 0.19 26.05
N PRO C 144 3.71 1.02 25.06
CA PRO C 144 3.84 0.56 23.67
C PRO C 144 3.03 -0.68 23.36
N GLY C 145 2.10 -0.57 22.41
CA GLY C 145 1.33 -1.69 21.93
C GLY C 145 2.10 -2.53 20.92
N ALA C 146 3.15 -3.21 21.37
CA ALA C 146 3.95 -4.07 20.49
C ALA C 146 4.62 -5.12 21.35
N VAL C 147 4.39 -6.39 21.04
CA VAL C 147 5.06 -7.49 21.71
C VAL C 147 5.54 -8.47 20.65
N THR C 148 6.57 -9.24 20.98
CA THR C 148 6.92 -10.44 20.22
C THR C 148 6.71 -11.63 21.12
N VAL C 149 6.01 -12.64 20.61
CA VAL C 149 5.70 -13.85 21.36
C VAL C 149 6.45 -15.02 20.73
N ALA C 150 7.18 -15.75 21.55
CA ALA C 150 7.84 -16.99 21.12
C ALA C 150 7.34 -18.14 21.99
N TRP C 151 7.11 -19.29 21.36
CA TRP C 151 6.60 -20.46 22.05
C TRP C 151 7.68 -21.52 22.13
N LYS C 152 7.77 -22.21 23.26
CA LYS C 152 8.76 -23.26 23.43
C LYS C 152 8.10 -24.55 23.90
N ALA C 153 8.46 -25.65 23.29
CA ALA C 153 8.16 -26.99 23.81
C ALA C 153 9.36 -27.44 24.62
N ASP C 154 9.17 -27.56 25.94
CA ASP C 154 10.28 -27.74 26.88
C ASP C 154 11.23 -26.54 26.75
N SER C 155 12.14 -26.60 25.77
CA SER C 155 13.01 -25.47 25.48
C SER C 155 13.26 -25.31 23.98
N SER C 156 12.60 -26.12 23.13
CA SER C 156 12.78 -26.05 21.69
C SER C 156 11.75 -25.09 21.08
N PRO C 157 12.17 -24.15 20.24
CA PRO C 157 11.20 -23.19 19.68
C PRO C 157 10.20 -23.90 18.78
N VAL C 158 8.94 -23.54 18.92
CA VAL C 158 7.83 -24.12 18.16
C VAL C 158 7.17 -23.02 17.36
N LYS C 159 7.08 -23.22 16.05
CA LYS C 159 6.52 -22.21 15.15
C LYS C 159 5.22 -22.63 14.49
N ALA C 160 5.06 -23.92 14.18
CA ALA C 160 3.79 -24.39 13.63
C ALA C 160 2.69 -24.33 14.69
N GLY C 161 1.46 -24.15 14.22
CA GLY C 161 0.31 -24.13 15.09
C GLY C 161 0.17 -22.88 15.93
N VAL C 162 0.85 -21.81 15.55
CA VAL C 162 0.87 -20.56 16.30
C VAL C 162 0.02 -19.53 15.57
N GLU C 163 -0.86 -18.87 16.31
CA GLU C 163 -1.61 -17.74 15.78
C GLU C 163 -1.63 -16.67 16.85
N THR C 164 -1.20 -15.46 16.47
CA THR C 164 -1.05 -14.35 17.40
C THR C 164 -1.77 -13.15 16.82
N THR C 165 -2.63 -12.52 17.62
CA THR C 165 -3.31 -11.31 17.16
C THR C 165 -2.40 -10.09 17.33
N THR C 166 -2.62 -9.11 16.46
CA THR C 166 -1.96 -7.82 16.58
C THR C 166 -2.58 -7.02 17.72
N PRO C 167 -1.77 -6.36 18.55
CA PRO C 167 -2.30 -5.74 19.78
C PRO C 167 -3.36 -4.70 19.50
N SER C 168 -4.33 -4.57 20.42
CA SER C 168 -5.36 -3.55 20.34
C SER C 168 -5.68 -3.04 21.74
N LYS C 169 -6.27 -1.86 21.79
CA LYS C 169 -6.40 -1.15 23.06
C LYS C 169 -7.51 -1.74 23.92
N GLN C 170 -7.23 -1.84 25.22
CA GLN C 170 -8.20 -2.20 26.21
C GLN C 170 -9.07 -0.99 26.53
N SER C 171 -10.11 -1.20 27.34
CA SER C 171 -10.97 -0.09 27.70
C SER C 171 -10.26 0.95 28.55
N ASN C 172 -9.17 0.58 29.23
CA ASN C 172 -8.34 1.55 29.93
C ASN C 172 -7.23 2.10 29.05
N ASN C 173 -7.29 1.83 27.74
CA ASN C 173 -6.42 2.41 26.71
C ASN C 173 -4.99 1.91 26.72
N LYS C 174 -4.63 1.01 27.64
CA LYS C 174 -3.46 0.18 27.42
C LYS C 174 -3.80 -0.93 26.43
N TYR C 175 -2.78 -1.68 26.00
CA TYR C 175 -2.96 -2.68 24.95
C TYR C 175 -3.05 -4.10 25.51
N ALA C 176 -3.66 -4.98 24.71
CA ALA C 176 -3.72 -6.40 25.00
C ALA C 176 -3.54 -7.19 23.70
N ALA C 177 -2.99 -8.40 23.83
CA ALA C 177 -2.81 -9.30 22.69
C ALA C 177 -2.98 -10.74 23.16
N SER C 178 -3.22 -11.62 22.18
CA SER C 178 -3.49 -13.03 22.44
C SER C 178 -2.67 -13.88 21.47
N SER C 179 -2.18 -15.02 21.96
CA SER C 179 -1.43 -15.94 21.12
C SER C 179 -1.86 -17.36 21.46
N TYR C 180 -2.02 -18.18 20.43
CA TYR C 180 -2.52 -19.54 20.56
C TYR C 180 -1.48 -20.52 20.06
N LEU C 181 -1.28 -21.59 20.82
CA LEU C 181 -0.50 -22.74 20.38
C LEU C 181 -1.46 -23.92 20.28
N SER C 182 -1.61 -24.45 19.07
CA SER C 182 -2.48 -25.61 18.84
C SER C 182 -1.63 -26.87 18.86
N LEU C 183 -2.05 -27.84 19.68
CA LEU C 183 -1.36 -29.11 19.84
C LEU C 183 -2.35 -30.26 19.75
N THR C 184 -1.85 -31.45 19.44
CA THR C 184 -2.63 -32.64 19.73
C THR C 184 -2.45 -32.99 21.20
N PRO C 185 -3.41 -33.70 21.80
CA PRO C 185 -3.21 -34.14 23.19
C PRO C 185 -1.97 -35.00 23.36
N GLU C 186 -1.52 -35.68 22.29
CA GLU C 186 -0.30 -36.49 22.38
C GLU C 186 0.93 -35.63 22.56
N GLN C 187 0.97 -34.46 21.90
CA GLN C 187 2.06 -33.53 22.16
C GLN C 187 1.97 -32.95 23.56
N TRP C 188 0.75 -32.61 23.99
CA TRP C 188 0.54 -31.94 25.27
C TRP C 188 1.07 -32.77 26.43
N LYS C 189 0.56 -34.00 26.59
CA LYS C 189 0.91 -34.77 27.77
C LYS C 189 2.29 -35.41 27.69
N SER C 190 2.87 -35.52 26.49
CA SER C 190 4.20 -36.09 26.37
C SER C 190 5.26 -35.15 26.94
N HIS C 191 5.28 -33.90 26.46
CA HIS C 191 6.29 -32.95 26.94
C HIS C 191 6.07 -32.64 28.43
N ARG C 192 7.16 -32.21 29.07
CA ARG C 192 7.04 -31.81 30.47
C ARG C 192 6.55 -30.37 30.61
N SER C 193 6.84 -29.50 29.63
CA SER C 193 6.50 -28.09 29.73
C SER C 193 6.37 -27.46 28.35
N TYR C 194 5.43 -26.54 28.21
CA TYR C 194 5.37 -25.60 27.10
C TYR C 194 5.44 -24.18 27.66
N SER C 195 6.12 -23.29 26.94
CA SER C 195 6.33 -21.94 27.44
C SER C 195 5.83 -20.92 26.43
N CYS C 196 5.22 -19.86 26.95
CA CYS C 196 4.91 -18.65 26.19
C CYS C 196 5.88 -17.56 26.62
N GLN C 197 6.65 -17.07 25.68
CA GLN C 197 7.64 -16.03 25.93
C GLN C 197 7.20 -14.73 25.28
N VAL C 198 7.16 -13.65 26.05
CA VAL C 198 6.63 -12.37 25.60
C VAL C 198 7.69 -11.30 25.85
N THR C 199 8.21 -10.70 24.79
CA THR C 199 9.20 -9.65 24.93
C THR C 199 8.54 -8.31 24.62
N HIS C 200 8.74 -7.34 25.50
CA HIS C 200 8.11 -6.03 25.40
C HIS C 200 9.14 -4.99 25.81
N GLU C 201 9.54 -4.14 24.86
CA GLU C 201 10.53 -3.08 25.10
C GLU C 201 11.86 -3.63 25.62
N GLY C 202 12.19 -4.87 25.27
CA GLY C 202 13.44 -5.45 25.73
C GLY C 202 13.29 -6.42 26.88
N SER C 203 12.34 -6.16 27.78
CA SER C 203 12.05 -7.07 28.87
C SER C 203 11.25 -8.27 28.37
N THR C 204 11.54 -9.44 28.92
CA THR C 204 10.89 -10.69 28.51
C THR C 204 10.16 -11.29 29.69
N VAL C 205 8.84 -11.41 29.59
CA VAL C 205 8.04 -12.18 30.54
C VAL C 205 7.84 -13.57 29.97
N GLU C 206 8.02 -14.60 30.80
CA GLU C 206 7.78 -15.97 30.38
C GLU C 206 6.90 -16.68 31.39
N LYS C 207 5.98 -17.50 30.90
CA LYS C 207 5.13 -18.33 31.72
C LYS C 207 5.14 -19.76 31.17
N THR C 208 5.10 -20.74 32.06
CA THR C 208 5.22 -22.14 31.69
C THR C 208 4.02 -22.90 32.25
N VAL C 209 3.54 -23.89 31.50
CA VAL C 209 2.44 -24.74 31.95
C VAL C 209 2.78 -26.20 31.68
N ALA C 210 2.36 -27.08 32.60
CA ALA C 210 2.64 -28.50 32.50
C ALA C 210 1.35 -29.31 32.61
N PRO C 211 1.20 -30.35 31.78
CA PRO C 211 0.03 -31.22 31.90
C PRO C 211 -0.01 -31.92 33.24
N THR C 212 -0.67 -31.30 34.22
CA THR C 212 -0.76 -31.84 35.58
C THR C 212 -2.06 -31.41 36.26
C1 MKZ D . -7.07 22.22 -17.54
C2 MKZ D . -5.77 22.26 -18.22
C3 MKZ D . -3.39 22.83 -18.26
C7 MKZ D . 0.16 26.79 -16.00
C8 MKZ D . 1.55 26.68 -15.77
C9 MKZ D . 2.18 25.43 -15.76
C10 MKZ D . 3.64 25.35 -15.51
C11 MKZ D . 4.59 25.61 -16.50
C12 MKZ D . 4.20 25.96 -17.93
C13 MKZ D . 5.94 25.54 -16.22
C14 MKZ D . 6.39 25.23 -14.97
C15 MKZ D . 5.48 24.97 -13.95
C16 MKZ D . 3.45 24.70 -13.01
C19 MKZ D . 0.08 24.35 -16.15
C20 MKZ D . -0.59 25.59 -16.20
C21 MKZ D . -4.12 24.70 -16.14
C22 MKZ D . -4.79 23.32 -16.21
CL MKZ D . 2.18 22.69 -15.89
C18 MKZ D . 1.42 24.26 -15.93
C17 MKZ D . 4.10 25.03 -14.21
N5 MKZ D . 4.34 24.46 -12.10
N4 MKZ D . 5.62 24.64 -12.64
N3 MKZ D . -0.49 27.96 -16.04
C6 MKZ D . -1.79 28.00 -16.25
N2 MKZ D . -2.53 26.90 -16.44
C5 MKZ D . -1.98 25.68 -16.42
N1 MKZ D . -2.73 24.55 -16.63
C4 MKZ D . -2.75 24.21 -18.06
N MKZ D . -4.69 22.79 -17.58
O MKZ D . -5.66 21.83 -19.36
C MKZ D . -8.13 22.61 -18.48
PB GDP E . -6.83 20.31 -23.56
O1B GDP E . -7.66 20.92 -22.44
O2B GDP E . -5.72 21.27 -23.89
O3B GDP E . -6.29 18.95 -23.15
O3A GDP E . -7.77 20.19 -24.85
PA GDP E . -8.46 18.85 -25.37
O1A GDP E . -9.23 18.09 -24.32
O2A GDP E . -7.40 18.00 -26.03
O5' GDP E . -9.43 19.46 -26.50
C5' GDP E . -10.61 20.18 -26.14
C4' GDP E . -11.68 19.98 -27.22
O4' GDP E . -11.17 20.40 -28.49
C3' GDP E . -12.06 18.51 -27.35
O3' GDP E . -13.49 18.37 -27.38
C2' GDP E . -11.43 18.06 -28.66
O2' GDP E . -12.22 17.08 -29.35
C1' GDP E . -11.32 19.35 -29.45
N9 GDP E . -10.13 19.39 -30.33
C8 GDP E . -8.85 19.18 -29.99
N7 GDP E . -8.03 19.34 -31.06
C5 GDP E . -8.81 19.68 -32.11
C6 GDP E . -8.61 20.00 -33.55
O6 GDP E . -7.47 20.00 -34.06
N1 GDP E . -9.69 20.30 -34.28
C2 GDP E . -10.94 20.31 -33.76
N2 GDP E . -11.99 20.63 -34.56
N3 GDP E . -11.19 20.03 -32.46
C4 GDP E . -10.18 19.71 -31.62
MG MG F . -6.15 17.77 -21.43
C1 GOL G . 2.77 14.44 -13.65
O1 GOL G . 1.60 14.68 -12.99
C2 GOL G . 3.17 13.01 -13.28
O2 GOL G . 2.73 12.05 -14.20
C3 GOL G . 4.65 13.06 -13.31
O3 GOL G . 4.96 11.85 -13.88
C1 GOL H . -2.42 33.82 -15.33
O1 GOL H . -3.36 33.27 -14.46
C2 GOL H . -3.04 33.79 -16.75
O2 GOL H . -2.14 34.16 -17.73
C3 GOL H . -3.57 32.34 -16.95
O3 GOL H . -2.70 31.70 -17.83
C1 GOL I . 5.49 22.93 -1.97
O1 GOL I . 6.65 23.29 -1.31
C2 GOL I . 5.41 21.40 -1.84
O2 GOL I . 4.14 20.99 -1.50
C3 GOL I . 5.83 20.88 -3.23
O3 GOL I . 6.46 19.68 -3.09
C1 EDO J . 1.99 12.33 -4.14
O1 EDO J . 2.54 12.70 -5.41
C2 EDO J . 1.33 10.95 -4.24
O2 EDO J . 2.29 9.94 -3.90
C1 EDO K . 0.62 -24.18 11.26
O1 EDO K . 1.43 -23.20 10.58
C2 EDO K . -0.85 -23.85 11.02
O2 EDO K . -1.24 -24.42 9.77
S SO4 L . -1.21 6.68 22.94
O1 SO4 L . -1.92 7.85 22.43
O2 SO4 L . -0.86 6.88 24.35
O3 SO4 L . 0.00 6.49 22.10
O4 SO4 L . -2.04 5.47 22.84
C1 EDO M . 9.43 17.25 -4.55
O1 EDO M . 10.23 16.10 -4.25
C2 EDO M . 10.29 18.50 -4.62
O2 EDO M . 11.41 18.22 -5.44
C1 GOL N . 2.97 13.51 6.01
O1 GOL N . 3.00 12.31 5.26
C2 GOL N . 2.15 13.23 7.31
O2 GOL N . 1.33 12.11 7.17
C3 GOL N . 3.23 13.14 8.49
O3 GOL N . 2.73 12.46 9.63
#